data_5JH8
#
_entry.id   5JH8
#
_cell.length_a   41.030
_cell.length_b   67.034
_cell.length_c   57.301
_cell.angle_alpha   90.00
_cell.angle_beta   90.20
_cell.angle_gamma   90.00
#
_symmetry.space_group_name_H-M   'P 1 21 1'
#
loop_
_entity.id
_entity.type
_entity.pdbx_description
1 polymer 'Probable chitinase'
2 non-polymer 1,2-ETHANEDIOL
3 non-polymer 'CHLORIDE ION'
4 non-polymer '(2S)-2-(dimethylamino)-4-(methylselanyl)butanoic acid'
5 non-polymer HISTIDINE
6 water water
#
_entity_poly.entity_id   1
_entity_poly.type   'polypeptide(L)'
_entity_poly.pdbx_seq_one_letter_code
;AA(MSE)VLAYYSGYAGNYAALTRYAASFNAVAVDFYNITAQGAVTGNGDPAPNDAISFLLGR(MLY)IPAYGCVSNVDG
NGNWSADIAHAVSTSAQSQAVANLV(MLY)FAQD(MLZ)RFSGINVDFEAVAQGDRNNFSHFIQVLGRALHAKGL(MLZ)
LIVSVPAFSA(MLZ)DENHPANYGYDLRALGAAADYLQI(MSE)SYDEAIPAWDPGPVAGSDW(MSE)EDDLDYAVERVP
AAKILNGIPAYGYDW(MLY)RPGDGG(MSE)LYW(MLY)DTQALIARYGAQPRYDAGTHSLTFNYGAADGSRHTVWTENA
RSVALKASLVNAYGLGGTSLYALG(MSE)EDDAFWAAV(MLZ)QGLAQR
;
_entity_poly.pdbx_strand_id   A
#
loop_
_chem_comp.id
_chem_comp.type
_chem_comp.name
_chem_comp.formula
CL non-polymer 'CHLORIDE ION' 'Cl -1'
EDO non-polymer 1,2-ETHANEDIOL 'C2 H6 O2'
#
# COMPACT_ATOMS: atom_id res chain seq x y z
N ALA A 1 -5.91 15.72 -12.04
CA ALA A 1 -5.57 14.42 -12.69
C ALA A 1 -4.87 13.50 -11.69
N ALA A 2 -5.50 13.29 -10.55
CA ALA A 2 -4.86 12.50 -9.49
C ALA A 2 -4.62 11.07 -9.95
N MSE A 3 -3.49 10.50 -9.53
CA MSE A 3 -3.27 9.07 -9.66
C MSE A 3 -4.16 8.35 -8.66
O MSE A 3 -4.26 8.75 -7.49
CB MSE A 3 -1.81 8.71 -9.44
CG MSE A 3 -1.56 7.22 -9.43
SE MSE A 3 0.31 6.65 -9.28
CE MSE A 3 0.78 6.95 -11.14
H MSE A 3 -2.84 10.94 -9.17
HA MSE A 3 -3.52 8.79 -10.56
HB2 MSE A 3 -1.27 9.10 -10.15
HB3 MSE A 3 -1.52 9.07 -8.58
HG2 MSE A 3 -2.04 6.84 -8.68
HG3 MSE A 3 -1.92 6.85 -10.25
HE1 MSE A 3 1.71 6.71 -11.26
HE2 MSE A 3 0.22 6.40 -11.70
HE3 MSE A 3 0.65 7.88 -11.35
N VAL A 4 -4.79 7.27 -9.10
CA VAL A 4 -5.63 6.43 -8.26
C VAL A 4 -5.05 5.03 -8.44
N LEU A 5 -4.19 4.62 -7.50
CA LEU A 5 -3.36 3.43 -7.65
C LEU A 5 -3.99 2.28 -6.90
N ALA A 6 -4.45 1.27 -7.63
CA ALA A 6 -4.99 0.07 -7.02
C ALA A 6 -3.90 -0.98 -6.89
N TYR A 7 -3.97 -1.78 -5.82
CA TYR A 7 -3.06 -2.90 -5.60
C TYR A 7 -3.70 -4.21 -6.06
N TYR A 8 -3.04 -4.86 -7.02
CA TYR A 8 -3.43 -6.16 -7.55
C TYR A 8 -2.48 -7.20 -6.95
N SER A 9 -2.98 -7.96 -5.98
N SER A 9 -2.91 -7.79 -5.85
CA SER A 9 -2.16 -8.81 -5.15
CA SER A 9 -2.19 -8.78 -5.08
C SER A 9 -2.87 -10.15 -4.98
C SER A 9 -2.93 -10.11 -5.24
N GLY A 10 -2.29 -11.01 -4.15
N GLY A 10 -2.58 -11.09 -4.41
CA GLY A 10 -2.76 -12.38 -4.00
CA GLY A 10 -3.07 -12.45 -4.59
C GLY A 10 -3.95 -12.52 -3.08
C GLY A 10 -4.34 -12.81 -3.83
N TYR A 11 -5.12 -12.06 -3.55
N TYR A 11 -5.16 -11.83 -3.48
CA TYR A 11 -6.36 -12.16 -2.82
CA TYR A 11 -6.39 -12.11 -2.76
C TYR A 11 -7.43 -12.74 -3.73
C TYR A 11 -7.45 -12.68 -3.69
N ALA A 12 -8.33 -13.50 -3.12
CA ALA A 12 -9.47 -14.02 -3.85
C ALA A 12 -10.29 -12.86 -4.42
N GLY A 13 -10.79 -13.04 -5.63
CA GLY A 13 -11.58 -11.99 -6.24
C GLY A 13 -10.78 -10.86 -6.83
N ASN A 14 -9.46 -11.00 -6.87
CA ASN A 14 -8.61 -9.92 -7.38
C ASN A 14 -8.92 -9.56 -8.82
N TYR A 15 -8.99 -10.57 -9.70
CA TYR A 15 -9.17 -10.30 -11.12
C TYR A 15 -10.58 -9.78 -11.41
N ALA A 16 -11.57 -10.34 -10.72
CA ALA A 16 -12.93 -9.83 -10.86
C ALA A 16 -12.99 -8.36 -10.49
N ALA A 17 -12.29 -7.96 -9.42
CA ALA A 17 -12.29 -6.56 -9.01
C ALA A 17 -11.47 -5.69 -9.96
N LEU A 18 -10.32 -6.18 -10.43
CA LEU A 18 -9.51 -5.45 -11.41
C LEU A 18 -10.37 -5.05 -12.59
N THR A 19 -11.13 -6.01 -13.13
CA THR A 19 -11.92 -5.72 -14.31
C THR A 19 -13.18 -4.94 -13.95
N ARG A 20 -13.80 -5.19 -12.80
CA ARG A 20 -15.01 -4.47 -12.46
C ARG A 20 -14.74 -2.99 -12.21
N TYR A 21 -13.58 -2.68 -11.62
CA TYR A 21 -13.33 -1.33 -11.10
C TYR A 21 -12.36 -0.53 -11.96
N ALA A 22 -12.10 -0.98 -13.18
CA ALA A 22 -11.11 -0.35 -14.04
C ALA A 22 -11.51 1.03 -14.58
N ALA A 23 -12.73 1.49 -14.35
CA ALA A 23 -13.08 2.88 -14.59
C ALA A 23 -12.84 3.77 -13.38
N SER A 24 -12.51 3.18 -12.23
CA SER A 24 -12.33 3.89 -10.97
C SER A 24 -10.87 4.14 -10.64
N PHE A 25 -9.98 3.20 -10.85
CA PHE A 25 -8.57 3.42 -10.68
C PHE A 25 -7.95 3.77 -12.03
N ASN A 26 -6.74 4.34 -11.99
CA ASN A 26 -6.05 4.70 -13.23
C ASN A 26 -4.58 4.31 -13.23
N ALA A 27 -4.15 3.46 -12.29
CA ALA A 27 -2.84 2.85 -12.29
C ALA A 27 -2.94 1.63 -11.39
N VAL A 28 -2.11 0.62 -11.64
CA VAL A 28 -2.16 -0.60 -10.84
C VAL A 28 -0.76 -1.03 -10.45
N ALA A 29 -0.58 -1.36 -9.19
CA ALA A 29 0.62 -2.02 -8.70
C ALA A 29 0.40 -3.52 -8.74
N VAL A 30 1.17 -4.21 -9.58
CA VAL A 30 1.02 -5.65 -9.81
C VAL A 30 1.95 -6.34 -8.84
N ASP A 31 1.40 -6.75 -7.69
N ASP A 31 1.39 -6.83 -7.74
CA ASP A 31 2.13 -7.24 -6.52
CA ASP A 31 2.11 -7.24 -6.54
C ASP A 31 2.30 -8.76 -6.60
C ASP A 31 2.34 -8.74 -6.56
N PHE A 32 3.17 -9.19 -7.52
CA PHE A 32 3.35 -10.60 -7.82
C PHE A 32 4.80 -11.03 -7.85
N TYR A 33 5.73 -10.21 -7.36
CA TYR A 33 7.14 -10.42 -7.63
C TYR A 33 7.99 -10.19 -6.39
N ASN A 34 9.04 -11.00 -6.27
CA ASN A 34 10.06 -10.81 -5.24
C ASN A 34 11.40 -10.51 -5.92
N ILE A 35 12.37 -10.10 -5.11
CA ILE A 35 13.74 -9.94 -5.56
C ILE A 35 14.64 -10.72 -4.62
N THR A 36 15.68 -11.34 -5.17
CA THR A 36 16.62 -12.11 -4.36
C THR A 36 17.77 -11.21 -3.88
N ALA A 37 18.56 -11.74 -2.94
CA ALA A 37 19.72 -11.02 -2.45
C ALA A 37 20.77 -10.82 -3.53
N GLN A 38 20.71 -11.56 -4.64
CA GLN A 38 21.59 -11.33 -5.77
C GLN A 38 21.00 -10.37 -6.80
N GLY A 39 19.83 -9.83 -6.53
CA GLY A 39 19.26 -8.83 -7.41
C GLY A 39 18.42 -9.37 -8.54
N ALA A 40 18.00 -10.63 -8.47
CA ALA A 40 17.18 -11.22 -9.52
C ALA A 40 15.71 -11.09 -9.16
N VAL A 41 14.89 -10.66 -10.14
CA VAL A 41 13.45 -10.56 -9.96
C VAL A 41 12.85 -11.93 -10.24
N THR A 42 11.95 -12.38 -9.35
CA THR A 42 11.29 -13.67 -9.48
C THR A 42 9.80 -13.49 -9.25
N GLY A 43 9.04 -14.53 -9.58
CA GLY A 43 7.69 -14.61 -9.10
C GLY A 43 7.66 -14.81 -7.60
N ASN A 44 6.49 -14.62 -7.01
CA ASN A 44 6.35 -14.70 -5.55
C ASN A 44 5.66 -15.98 -5.08
N GLY A 45 5.50 -16.96 -5.95
CA GLY A 45 4.82 -18.19 -5.64
C GLY A 45 3.43 -18.26 -6.20
N ASP A 46 2.84 -17.13 -6.53
CA ASP A 46 1.53 -17.11 -7.18
C ASP A 46 1.72 -17.16 -8.69
N PRO A 47 0.73 -17.67 -9.42
CA PRO A 47 0.82 -17.73 -10.88
C PRO A 47 1.05 -16.36 -11.48
N ALA A 48 1.84 -16.32 -12.55
CA ALA A 48 2.18 -15.07 -13.20
C ALA A 48 0.90 -14.37 -13.66
N PRO A 49 0.76 -13.06 -13.39
CA PRO A 49 -0.48 -12.33 -13.68
C PRO A 49 -0.52 -11.80 -15.12
N ASN A 50 -0.22 -12.67 -16.09
CA ASN A 50 -0.07 -12.19 -17.45
C ASN A 50 -1.41 -11.74 -18.05
N ASP A 51 -2.50 -12.35 -17.59
CA ASP A 51 -3.84 -11.93 -17.97
C ASP A 51 -4.16 -10.53 -17.48
N ALA A 52 -3.82 -10.23 -16.24
CA ALA A 52 -4.05 -8.91 -15.67
C ALA A 52 -3.25 -7.85 -16.42
N ILE A 53 -1.99 -8.16 -16.71
CA ILE A 53 -1.14 -7.21 -17.42
C ILE A 53 -1.75 -6.91 -18.80
N SER A 54 -2.15 -7.96 -19.52
N SER A 54 -2.17 -7.96 -19.50
CA SER A 54 -2.78 -7.75 -20.83
CA SER A 54 -2.77 -7.78 -20.82
C SER A 54 -3.99 -6.87 -20.71
C SER A 54 -4.03 -6.94 -20.76
N PHE A 55 -4.87 -7.16 -19.76
CA PHE A 55 -6.07 -6.37 -19.59
C PHE A 55 -5.74 -4.89 -19.46
N LEU A 56 -4.78 -4.59 -18.59
CA LEU A 56 -4.41 -3.20 -18.32
C LEU A 56 -3.78 -2.55 -19.55
N LEU A 57 -2.94 -3.27 -20.29
CA LEU A 57 -2.40 -2.72 -21.53
C LEU A 57 -3.53 -2.36 -22.48
N GLY A 58 -4.53 -3.24 -22.61
CA GLY A 58 -5.62 -2.95 -23.53
C GLY A 58 -6.47 -1.77 -23.10
N ARG A 59 -6.52 -1.49 -21.82
CA ARG A 59 -7.29 -0.37 -21.26
C ARG A 59 -6.44 0.90 -21.16
N MLY A 60 -5.16 0.82 -21.54
N MLY A 60 -5.17 0.79 -21.50
CA MLY A 60 -4.20 1.93 -21.42
CA MLY A 60 -4.26 1.92 -21.41
CB MLY A 60 -4.55 3.09 -22.36
CB MLY A 60 -4.67 3.00 -22.42
CG MLY A 60 -4.65 2.65 -23.81
CG MLY A 60 -4.74 2.44 -23.85
CD MLY A 60 -5.33 3.68 -24.70
CD MLY A 60 -6.01 2.86 -24.60
CE MLY A 60 -4.43 4.86 -24.96
CE MLY A 60 -7.22 1.93 -24.36
NZ MLY A 60 -4.85 5.52 -26.24
NZ MLY A 60 -8.38 2.58 -23.67
CH1 MLY A 60 -3.70 6.23 -26.79
CH1 MLY A 60 -8.89 3.67 -24.52
CH2 MLY A 60 -5.90 6.51 -25.93
CH2 MLY A 60 -9.48 1.62 -23.65
C MLY A 60 -4.03 2.44 -19.98
C MLY A 60 -4.23 2.45 -19.97
O MLY A 60 -3.80 3.62 -19.74
O MLY A 60 -4.33 3.65 -19.72
HA MLY A 60 -3.32 1.59 -21.70
HA MLY A 60 -3.35 1.62 -21.64
HB2 MLY A 60 -3.86 3.77 -22.31
HB2 MLY A 60 -4.02 3.71 -22.41
HB3 MLY A 60 -5.51 3.53 -22.06
HB3 MLY A 60 -5.65 3.40 -22.14
HG2 MLY A 60 -5.18 1.84 -23.85
HG2 MLY A 60 -4.74 1.47 -23.81
HG3 MLY A 60 -3.65 2.45 -24.19
HG3 MLY A 60 -3.87 2.79 -24.41
HD2 MLY A 60 -6.13 4.00 -24.25
HD2 MLY A 60 -5.83 2.85 -25.56
HD3 MLY A 60 -5.60 3.21 -25.64
HD3 MLY A 60 -6.28 3.88 -24.31
HE2 MLY A 60 -3.52 4.56 -25.06
HE2 MLY A 60 -6.92 1.19 -23.79
HE3 MLY A 60 -4.50 5.56 -24.14
HE3 MLY A 60 -7.55 1.52 -25.31
HH11 MLY A 60 -3.99 6.73 -27.71
HH11 MLY A 60 -9.74 4.16 -24.02
HH12 MLY A 60 -2.89 5.53 -26.99
HH12 MLY A 60 -9.22 3.27 -25.48
HH13 MLY A 60 -3.36 6.98 -26.07
HH13 MLY A 60 -8.10 4.41 -24.69
HH21 MLY A 60 -6.29 6.91 -26.87
HH21 MLY A 60 -10.38 2.10 -23.25
HH22 MLY A 60 -5.48 7.31 -25.34
HH22 MLY A 60 -9.21 0.78 -23.00
HH23 MLY A 60 -6.70 6.02 -25.38
HH23 MLY A 60 -9.67 1.26 -24.65
N ILE A 61 -4.13 1.51 -19.03
CA ILE A 61 -3.97 1.82 -17.61
C ILE A 61 -2.54 1.46 -17.20
N PRO A 62 -1.73 2.44 -16.80
CA PRO A 62 -0.34 2.13 -16.41
C PRO A 62 -0.27 1.04 -15.35
N ALA A 63 0.63 0.09 -15.57
CA ALA A 63 0.89 -0.99 -14.65
C ALA A 63 2.32 -0.88 -14.13
N TYR A 64 2.48 -1.06 -12.84
CA TYR A 64 3.77 -1.02 -12.17
C TYR A 64 4.09 -2.41 -11.64
N GLY A 65 5.30 -2.88 -11.89
CA GLY A 65 5.73 -4.14 -11.31
C GLY A 65 6.10 -3.91 -9.86
N CYS A 66 5.33 -4.50 -8.94
CA CYS A 66 5.55 -4.30 -7.50
C CYS A 66 6.39 -5.45 -6.97
N VAL A 67 7.60 -5.11 -6.56
CA VAL A 67 8.65 -6.06 -6.25
C VAL A 67 9.03 -5.93 -4.78
N SER A 68 9.00 -7.05 -4.07
N SER A 68 8.98 -7.05 -4.05
CA SER A 68 9.18 -7.07 -2.63
CA SER A 68 9.17 -7.03 -2.61
C SER A 68 10.43 -7.83 -2.24
C SER A 68 10.35 -7.89 -2.18
N ASN A 69 10.97 -7.47 -1.07
CA ASN A 69 12.11 -8.16 -0.47
C ASN A 69 11.62 -9.24 0.48
N VAL A 70 10.93 -10.22 -0.10
CA VAL A 70 10.36 -11.35 0.64
C VAL A 70 11.19 -12.57 0.25
N ASP A 71 11.60 -13.35 1.25
CA ASP A 71 12.47 -14.49 1.04
C ASP A 71 11.68 -15.76 0.74
N GLY A 72 12.39 -16.88 0.62
CA GLY A 72 11.77 -18.13 0.20
C GLY A 72 10.79 -18.70 1.20
N ASN A 73 10.80 -18.20 2.44
CA ASN A 73 9.83 -18.60 3.45
C ASN A 73 8.60 -17.70 3.48
N GLY A 74 8.56 -16.67 2.64
CA GLY A 74 7.47 -15.73 2.69
C GLY A 74 7.65 -14.62 3.69
N ASN A 75 8.85 -14.43 4.23
CA ASN A 75 9.11 -13.42 5.25
C ASN A 75 9.80 -12.20 4.66
N TRP A 76 9.42 -11.02 5.16
CA TRP A 76 10.18 -9.82 4.84
C TRP A 76 11.62 -10.02 5.29
N SER A 77 12.56 -9.59 4.44
CA SER A 77 13.98 -9.83 4.68
C SER A 77 14.79 -8.55 4.66
N ALA A 78 15.22 -8.12 5.85
CA ALA A 78 16.16 -7.02 5.93
C ALA A 78 17.46 -7.34 5.19
N ASP A 79 17.87 -8.61 5.22
CA ASP A 79 19.11 -9.01 4.54
C ASP A 79 19.02 -8.83 3.03
N ILE A 80 17.87 -9.18 2.42
CA ILE A 80 17.72 -8.97 0.99
C ILE A 80 17.77 -7.48 0.68
N ALA A 81 17.08 -6.66 1.46
CA ALA A 81 17.11 -5.22 1.20
C ALA A 81 18.54 -4.69 1.32
N HIS A 82 19.27 -5.16 2.33
CA HIS A 82 20.66 -4.73 2.49
C HIS A 82 21.50 -5.12 1.27
N ALA A 83 21.40 -6.36 0.83
CA ALA A 83 22.20 -6.85 -0.29
C ALA A 83 21.88 -6.08 -1.58
N VAL A 84 20.58 -5.93 -1.89
CA VAL A 84 20.17 -5.20 -3.10
C VAL A 84 20.67 -3.77 -3.05
N SER A 85 20.72 -3.17 -1.86
CA SER A 85 21.13 -1.78 -1.73
C SER A 85 22.64 -1.62 -1.70
N THR A 86 23.39 -2.71 -1.61
CA THR A 86 24.85 -2.60 -1.53
C THR A 86 25.50 -3.51 -2.57
N SER A 87 25.81 -4.74 -2.18
CA SER A 87 26.65 -5.60 -3.02
C SER A 87 25.99 -5.97 -4.35
N ALA A 88 24.67 -6.09 -4.38
CA ALA A 88 23.95 -6.49 -5.58
C ALA A 88 23.24 -5.33 -6.24
N GLN A 89 23.65 -4.09 -5.91
CA GLN A 89 22.92 -2.94 -6.43
C GLN A 89 22.95 -2.88 -7.94
N SER A 90 24.11 -3.09 -8.55
CA SER A 90 24.17 -2.91 -10.00
C SER A 90 23.32 -3.94 -10.73
N GLN A 91 23.33 -5.18 -10.23
CA GLN A 91 22.48 -6.21 -10.80
C GLN A 91 21.01 -5.89 -10.59
N ALA A 92 20.65 -5.51 -9.37
CA ALA A 92 19.24 -5.24 -9.06
C ALA A 92 18.70 -4.11 -9.91
N VAL A 93 19.45 -3.02 -10.05
CA VAL A 93 18.96 -1.87 -10.80
C VAL A 93 18.75 -2.26 -12.26
N ALA A 94 19.76 -2.88 -12.87
CA ALA A 94 19.62 -3.26 -14.28
C ALA A 94 18.48 -4.24 -14.46
N ASN A 95 18.37 -5.20 -13.54
CA ASN A 95 17.34 -6.24 -13.67
C ASN A 95 15.95 -5.67 -13.46
N LEU A 96 15.78 -4.69 -12.58
CA LEU A 96 14.48 -4.09 -12.40
C LEU A 96 14.06 -3.32 -13.65
N VAL A 97 15.00 -2.59 -14.24
CA VAL A 97 14.71 -1.88 -15.47
C VAL A 97 14.31 -2.86 -16.57
N MLY A 98 15.10 -3.90 -16.78
CA MLY A 98 14.80 -4.84 -17.86
CB MLY A 98 15.92 -5.86 -18.04
CG MLY A 98 15.63 -6.87 -19.14
CD MLY A 98 16.81 -7.79 -19.41
CE MLY A 98 16.48 -8.83 -20.49
NZ MLY A 98 15.41 -9.81 -20.12
CH1 MLY A 98 15.78 -10.60 -18.92
CH2 MLY A 98 15.17 -10.72 -21.23
C MLY A 98 13.48 -5.56 -17.59
O MLY A 98 12.72 -5.84 -18.50
H MLY A 98 15.96 -4.10 -16.41
HA MLY A 98 14.70 -4.34 -18.70
HB2 MLY A 98 16.03 -6.35 -17.22
HB3 MLY A 98 16.85 -5.33 -18.28
HG2 MLY A 98 15.43 -6.39 -19.96
HG3 MLY A 98 14.76 -7.46 -18.86
HD2 MLY A 98 17.03 -8.28 -18.60
HD3 MLY A 98 17.67 -7.21 -19.73
HE2 MLY A 98 17.29 -9.34 -20.68
HE3 MLY A 98 16.17 -8.30 -21.39
HH11 MLY A 98 14.98 -11.30 -18.69
HH12 MLY A 98 15.95 -9.94 -18.08
HH13 MLY A 98 16.69 -11.15 -19.13
HH21 MLY A 98 14.31 -11.36 -21.00
HH22 MLY A 98 16.05 -11.34 -21.39
HH23 MLY A 98 14.96 -10.15 -22.13
N PHE A 99 13.20 -5.85 -16.32
CA PHE A 99 11.95 -6.49 -15.94
C PHE A 99 10.77 -5.62 -16.36
N ALA A 100 10.83 -4.32 -16.06
CA ALA A 100 9.76 -3.43 -16.49
C ALA A 100 9.61 -3.44 -18.01
N GLN A 101 10.73 -3.36 -18.73
CA GLN A 101 10.69 -3.42 -20.18
C GLN A 101 10.09 -4.72 -20.67
N ASP A 102 10.53 -5.84 -20.11
CA ASP A 102 10.08 -7.15 -20.55
C ASP A 102 8.57 -7.31 -20.41
N MLZ A 103 8.01 -6.76 -19.32
N MLZ A 103 8.02 -6.76 -19.33
CA MLZ A 103 6.58 -6.92 -19.06
CA MLZ A 103 6.61 -6.94 -19.02
CB MLZ A 103 6.32 -7.12 -17.56
CB MLZ A 103 6.46 -7.07 -17.51
CG MLZ A 103 7.02 -8.33 -16.98
CG MLZ A 103 6.44 -8.51 -17.01
CD MLZ A 103 6.88 -9.57 -17.86
CD MLZ A 103 7.66 -9.31 -17.44
CE MLZ A 103 5.42 -9.92 -18.15
CE MLZ A 103 7.61 -10.72 -16.85
NZ MLZ A 103 5.32 -11.09 -19.00
NZ MLZ A 103 8.46 -11.63 -17.57
CM MLZ A 103 6.03 -12.30 -18.65
CM MLZ A 103 9.86 -11.72 -17.24
C MLZ A 103 5.72 -5.78 -19.52
C MLZ A 103 5.73 -5.81 -19.55
O MLZ A 103 4.50 -5.78 -19.29
O MLZ A 103 4.50 -5.88 -19.41
HA MLZ A 103 6.23 -7.83 -19.58
HA MLZ A 103 6.26 -7.88 -19.48
HB2 MLZ A 103 5.24 -7.21 -17.41
HB2 MLZ A 103 5.53 -6.58 -17.20
HB3 MLZ A 103 6.65 -6.22 -17.04
HB3 MLZ A 103 7.28 -6.54 -17.03
HG2 MLZ A 103 6.60 -8.53 -15.99
HG2 MLZ A 103 5.55 -9.01 -17.37
HG3 MLZ A 103 8.08 -8.10 -16.85
HG3 MLZ A 103 6.39 -8.51 -15.91
HD2 MLZ A 103 7.35 -10.42 -17.35
HD2 MLZ A 103 8.57 -8.81 -17.09
HD3 MLZ A 103 7.41 -9.40 -18.79
HD3 MLZ A 103 7.70 -9.37 -18.53
HE2 MLZ A 103 4.95 -9.07 -18.66
HE2 MLZ A 103 6.58 -11.09 -16.89
HE3 MLZ A 103 4.89 -10.10 -17.22
HE3 MLZ A 103 7.91 -10.69 -15.80
HZ MLZ A 103 4.73 -11.07 -19.82
HZ MLZ A 103 8.08 -12.20 -18.31
HCM1 MLZ A 103 6.91 -12.38 -19.24
HCM1 MLZ A 103 10.43 -11.16 -17.94
HCM2 MLZ A 103 5.42 -13.14 -18.82
HCM2 MLZ A 103 10.17 -12.72 -17.26
HCM3 MLZ A 103 6.30 -12.26 -17.62
HCM3 MLZ A 103 10.02 -11.32 -16.27
N ARG A 104 6.34 -4.79 -20.16
CA ARG A 104 5.62 -3.62 -20.67
C ARG A 104 5.02 -2.80 -19.52
N PHE A 105 5.65 -2.87 -18.35
CA PHE A 105 5.26 -2.03 -17.23
C PHE A 105 5.64 -0.57 -17.50
N SER A 106 4.85 0.34 -16.92
CA SER A 106 5.12 1.76 -16.96
C SER A 106 6.15 2.17 -15.93
N GLY A 107 6.46 1.26 -15.01
CA GLY A 107 7.43 1.55 -13.98
C GLY A 107 7.53 0.39 -13.01
N ILE A 108 8.27 0.66 -11.94
CA ILE A 108 8.50 -0.26 -10.85
C ILE A 108 7.95 0.35 -9.57
N ASN A 109 7.27 -0.46 -8.77
CA ASN A 109 6.93 -0.12 -7.39
C ASN A 109 7.85 -0.96 -6.49
N VAL A 110 8.85 -0.31 -5.88
CA VAL A 110 9.67 -0.97 -4.87
C VAL A 110 8.87 -1.02 -3.57
N ASP A 111 8.62 -2.23 -3.09
CA ASP A 111 7.91 -2.46 -1.82
C ASP A 111 8.88 -3.20 -0.92
N PHE A 112 9.85 -2.47 -0.38
CA PHE A 112 10.83 -3.05 0.53
C PHE A 112 10.44 -2.68 1.95
N GLU A 113 10.04 -3.68 2.73
CA GLU A 113 9.60 -3.46 4.09
C GLU A 113 10.61 -4.15 5.02
N ALA A 114 10.63 -3.70 6.27
CA ALA A 114 11.62 -4.17 7.23
C ALA A 114 13.04 -3.79 6.82
N VAL A 115 13.19 -2.68 6.09
CA VAL A 115 14.52 -2.16 5.84
C VAL A 115 15.16 -1.83 7.18
N ALA A 116 16.37 -2.36 7.42
CA ALA A 116 17.06 -2.16 8.69
C ALA A 116 17.43 -0.71 8.88
N GLN A 117 17.37 -0.23 10.12
CA GLN A 117 17.71 1.17 10.37
C GLN A 117 19.12 1.50 9.90
N GLY A 118 20.05 0.55 10.01
CA GLY A 118 21.40 0.81 9.56
C GLY A 118 21.55 0.95 8.06
N ASP A 119 20.51 0.61 7.30
CA ASP A 119 20.51 0.70 5.86
C ASP A 119 19.84 1.96 5.32
N ARG A 120 19.58 2.94 6.17
CA ARG A 120 18.91 4.17 5.75
C ARG A 120 19.58 4.77 4.51
N ASN A 121 20.88 5.04 4.60
CA ASN A 121 21.56 5.69 3.49
C ASN A 121 21.80 4.74 2.32
N ASN A 122 22.03 3.46 2.59
CA ASN A 122 22.18 2.48 1.51
C ASN A 122 20.91 2.41 0.69
N PHE A 123 19.75 2.35 1.35
CA PHE A 123 18.48 2.25 0.65
C PHE A 123 18.19 3.53 -0.14
N SER A 124 18.46 4.69 0.44
CA SER A 124 18.28 5.94 -0.29
C SER A 124 19.12 5.94 -1.54
N HIS A 125 20.37 5.46 -1.44
CA HIS A 125 21.26 5.44 -2.59
C HIS A 125 20.75 4.49 -3.67
N PHE A 126 20.30 3.31 -3.26
CA PHE A 126 19.71 2.36 -4.21
C PHE A 126 18.56 3.01 -4.97
N ILE A 127 17.67 3.69 -4.26
CA ILE A 127 16.52 4.32 -4.88
C ILE A 127 16.96 5.48 -5.79
N GLN A 128 17.99 6.23 -5.41
CA GLN A 128 18.53 7.26 -6.29
C GLN A 128 19.01 6.67 -7.62
N VAL A 129 19.81 5.62 -7.53
CA VAL A 129 20.37 4.99 -8.73
C VAL A 129 19.26 4.38 -9.57
N LEU A 130 18.32 3.70 -8.91
CA LEU A 130 17.22 3.06 -9.61
C LEU A 130 16.34 4.08 -10.31
N GLY A 131 16.03 5.18 -9.62
CA GLY A 131 15.22 6.21 -10.24
C GLY A 131 15.87 6.78 -11.50
N ARG A 132 17.17 7.07 -11.42
CA ARG A 132 17.85 7.58 -12.61
C ARG A 132 17.83 6.56 -13.74
N ALA A 133 18.02 5.28 -13.42
CA ALA A 133 18.05 4.25 -14.45
C ALA A 133 16.68 4.08 -15.11
N LEU A 134 15.62 4.08 -14.31
CA LEU A 134 14.28 4.00 -14.87
C LEU A 134 13.94 5.23 -15.71
N HIS A 135 14.30 6.42 -15.20
CA HIS A 135 14.01 7.65 -15.93
C HIS A 135 14.72 7.69 -17.26
N ALA A 136 15.94 7.13 -17.32
CA ALA A 136 16.70 7.09 -18.57
C ALA A 136 16.00 6.27 -19.62
N LYS A 137 15.07 5.40 -19.24
CA LYS A 137 14.30 4.60 -20.16
C LYS A 137 12.84 5.05 -20.25
N GLY A 138 12.49 6.21 -19.71
CA GLY A 138 11.12 6.67 -19.82
C GLY A 138 10.17 5.94 -18.90
N LEU A 139 10.70 5.33 -17.85
CA LEU A 139 9.91 4.58 -16.87
C LEU A 139 9.84 5.32 -15.56
N MLZ A 140 8.87 4.96 -14.72
CA MLZ A 140 8.66 5.63 -13.43
CB MLZ A 140 7.24 6.20 -13.36
CG MLZ A 140 7.09 7.41 -14.31
CD MLZ A 140 5.75 8.10 -14.13
CE MLZ A 140 5.60 9.26 -15.11
NZ MLZ A 140 4.45 10.08 -14.86
CM MLZ A 140 3.14 9.50 -14.56
C MLZ A 140 8.95 4.72 -12.26
O MLZ A 140 9.04 3.49 -12.39
HA MLZ A 140 9.35 6.48 -13.36
HB2 MLZ A 140 7.02 6.51 -12.34
HB3 MLZ A 140 6.53 5.44 -13.65
HG2 MLZ A 140 7.21 7.08 -15.34
HG3 MLZ A 140 7.90 8.13 -14.11
HD2 MLZ A 140 5.67 8.47 -13.11
HD3 MLZ A 140 4.95 7.38 -14.30
HE2 MLZ A 140 5.54 8.86 -16.12
HE3 MLZ A 140 6.50 9.88 -15.05
HZ MLZ A 140 4.54 11.09 -14.91
HCM1 MLZ A 140 2.55 9.51 -15.43
HCM2 MLZ A 140 2.67 10.07 -13.80
HCM3 MLZ A 140 3.28 8.50 -14.22
N LEU A 141 9.08 5.33 -11.09
CA LEU A 141 9.42 4.66 -9.83
C LEU A 141 8.47 5.11 -8.73
N ILE A 142 7.80 4.14 -8.12
CA ILE A 142 7.00 4.35 -6.91
C ILE A 142 7.67 3.58 -5.79
N VAL A 143 7.91 4.22 -4.65
CA VAL A 143 8.49 3.54 -3.49
C VAL A 143 7.42 3.52 -2.40
N SER A 144 7.06 2.33 -1.94
CA SER A 144 6.13 2.18 -0.82
C SER A 144 6.90 2.37 0.48
N VAL A 145 6.41 3.26 1.33
N VAL A 145 6.35 3.18 1.38
CA VAL A 145 7.09 3.49 2.61
CA VAL A 145 7.06 3.65 2.57
C VAL A 145 6.08 3.40 3.75
C VAL A 145 6.11 3.57 3.77
N PRO A 146 6.54 3.06 4.94
CA PRO A 146 5.67 3.11 6.11
C PRO A 146 5.28 4.55 6.40
N ALA A 147 4.11 4.70 7.03
CA ALA A 147 3.54 6.00 7.36
C ALA A 147 3.89 6.34 8.80
N PHE A 148 4.52 7.50 8.98
CA PHE A 148 4.93 7.95 10.31
C PHE A 148 5.16 9.46 10.27
N SER A 149 5.30 10.04 11.47
CA SER A 149 5.59 11.47 11.59
C SER A 149 6.84 11.66 12.43
N ALA A 150 7.15 12.89 12.79
CA ALA A 150 8.46 13.14 13.37
C ALA A 150 8.68 12.38 14.68
N MLZ A 151 7.62 12.25 15.48
CA MLZ A 151 7.78 11.62 16.78
CB MLZ A 151 6.47 11.67 17.54
CG MLZ A 151 5.37 10.78 16.94
CD MLZ A 151 4.10 10.82 17.78
CE MLZ A 151 3.01 9.90 17.22
NZ MLZ A 151 1.80 9.95 18.02
CM MLZ A 151 1.06 11.19 18.19
C MLZ A 151 8.27 10.20 16.66
O MLZ A 151 8.86 9.68 17.63
H MLZ A 151 6.70 12.46 15.13
HA MLZ A 151 8.53 12.19 17.35
HB2 MLZ A 151 6.11 12.70 17.57
HB3 MLZ A 151 6.64 11.36 18.57
HG2 MLZ A 151 5.74 9.75 16.88
HG3 MLZ A 151 5.15 11.11 15.92
HD2 MLZ A 151 3.73 11.84 17.82
HD3 MLZ A 151 4.33 10.51 18.80
HE2 MLZ A 151 3.39 8.88 17.19
HE3 MLZ A 151 2.78 10.21 16.20
HZ MLZ A 151 1.46 9.11 18.46
HCM1 MLZ A 151 1.29 11.61 19.14
HCM2 MLZ A 151 0.03 11.00 18.14
HCM3 MLZ A 151 1.33 11.88 17.43
N ASP A 152 8.05 9.56 15.51
CA ASP A 152 8.44 8.16 15.36
C ASP A 152 9.47 7.94 14.28
N GLU A 153 10.05 9.02 13.74
CA GLU A 153 10.93 8.88 12.59
C GLU A 153 12.24 8.18 12.92
N ASN A 154 12.63 8.18 14.19
CA ASN A 154 13.84 7.48 14.62
C ASN A 154 13.55 6.10 15.20
N HIS A 155 12.29 5.66 15.19
CA HIS A 155 11.98 4.31 15.65
C HIS A 155 12.73 3.31 14.78
N PRO A 156 13.19 2.19 15.34
CA PRO A 156 13.90 1.20 14.51
C PRO A 156 13.15 0.76 13.26
N ALA A 157 11.82 0.78 13.28
CA ALA A 157 11.05 0.34 12.12
C ALA A 157 11.02 1.39 11.01
N ASN A 158 11.30 2.65 11.34
CA ASN A 158 11.10 3.76 10.43
C ASN A 158 12.39 4.45 10.00
N TYR A 159 13.47 4.34 10.77
CA TYR A 159 14.67 5.12 10.48
C TYR A 159 15.32 4.72 9.16
N GLY A 160 15.08 3.51 8.67
CA GLY A 160 15.61 3.15 7.37
C GLY A 160 15.03 3.93 6.20
N TYR A 161 13.95 4.69 6.44
CA TYR A 161 13.23 5.40 5.38
C TYR A 161 13.44 6.90 5.53
N ASP A 162 14.29 7.46 4.67
CA ASP A 162 14.59 8.89 4.64
C ASP A 162 13.69 9.48 3.56
N LEU A 163 12.53 9.99 3.96
CA LEU A 163 11.54 10.42 2.96
C LEU A 163 12.08 11.53 2.08
N ARG A 164 12.83 12.46 2.65
CA ARG A 164 13.40 13.53 1.85
C ARG A 164 14.24 12.97 0.70
N ALA A 165 15.12 12.01 1.01
CA ALA A 165 15.99 11.44 -0.03
C ALA A 165 15.19 10.59 -1.01
N LEU A 166 14.29 9.76 -0.48
CA LEU A 166 13.54 8.85 -1.34
C LEU A 166 12.64 9.64 -2.28
N GLY A 167 11.98 10.67 -1.74
CA GLY A 167 11.06 11.45 -2.53
C GLY A 167 11.72 12.26 -3.60
N ALA A 168 12.98 12.66 -3.40
CA ALA A 168 13.69 13.39 -4.44
C ALA A 168 14.02 12.49 -5.62
N ALA A 169 14.15 11.19 -5.40
CA ALA A 169 14.55 10.26 -6.44
C ALA A 169 13.38 9.62 -7.16
N ALA A 170 12.30 9.33 -6.45
CA ALA A 170 11.18 8.60 -7.01
C ALA A 170 10.16 9.55 -7.63
N ASP A 171 9.33 9.00 -8.53
CA ASP A 171 8.18 9.74 -9.04
C ASP A 171 7.09 9.87 -7.98
N TYR A 172 6.89 8.83 -7.17
CA TYR A 172 5.92 8.86 -6.09
C TYR A 172 6.44 8.06 -4.92
N LEU A 173 6.10 8.53 -3.71
CA LEU A 173 6.12 7.69 -2.53
C LEU A 173 4.69 7.26 -2.25
N GLN A 174 4.50 5.94 -2.12
CA GLN A 174 3.21 5.36 -1.76
C GLN A 174 3.25 5.25 -0.23
N ILE A 175 2.66 6.24 0.44
N ILE A 175 2.60 6.19 0.45
CA ILE A 175 2.66 6.28 1.90
CA ILE A 175 2.64 6.23 1.91
C ILE A 175 1.63 5.28 2.38
C ILE A 175 1.60 5.25 2.44
N MSE A 176 2.08 4.26 3.09
N MSE A 176 2.07 4.21 3.12
CA MSE A 176 1.21 3.17 3.52
CA MSE A 176 1.20 3.13 3.56
C MSE A 176 0.50 3.59 4.82
C MSE A 176 0.47 3.56 4.84
O MSE A 176 0.81 3.08 5.91
O MSE A 176 0.76 3.05 5.95
CB MSE A 176 2.01 1.88 3.71
CB MSE A 176 2.02 1.86 3.79
CG MSE A 176 2.54 1.34 2.39
CG MSE A 176 2.64 1.38 2.51
SE MSE A 176 3.40 -0.41 2.49
SE MSE A 176 3.92 -0.07 2.77
CE MSE A 176 4.98 0.20 3.50
CE MSE A 176 2.87 -1.15 3.99
H MSE A 176 2.90 4.16 3.33
H MSE A 176 2.89 4.10 3.34
HA MSE A 176 0.54 3.01 2.84
HA MSE A 176 0.54 2.95 2.88
HB2 MSE A 176 2.76 2.05 4.29
HB2 MSE A 176 2.72 2.04 4.42
HB3 MSE A 176 1.43 1.20 4.10
HB3 MSE A 176 1.43 1.16 4.13
HG2 MSE A 176 1.80 1.26 1.78
HG2 MSE A 176 1.94 1.05 1.92
HG3 MSE A 176 3.19 1.97 2.04
HG3 MSE A 176 3.11 2.11 2.09
HE1 MSE A 176 5.56 -0.55 3.67
HE1 MSE A 176 3.39 -1.94 4.23
HE2 MSE A 176 5.44 0.87 2.98
HE2 MSE A 176 2.68 -0.63 4.79
HE3 MSE A 176 4.68 0.58 4.35
HE3 MSE A 176 2.05 -1.41 3.57
N SER A 177 -0.43 4.54 4.69
CA SER A 177 -1.17 5.10 5.81
C SER A 177 -2.34 4.20 6.21
N TYR A 178 -1.94 2.98 6.58
CA TYR A 178 -2.83 1.97 7.14
C TYR A 178 -1.97 1.08 8.03
N ASP A 179 -2.62 0.19 8.76
CA ASP A 179 -1.93 -0.61 9.79
C ASP A 179 -1.38 0.24 10.93
N GLU A 180 -2.07 1.35 11.23
CA GLU A 180 -1.77 2.10 12.44
C GLU A 180 -1.90 1.21 13.66
N ALA A 181 -2.88 0.32 13.63
CA ALA A 181 -3.05 -0.77 14.57
C ALA A 181 -3.17 -2.04 13.72
N ILE A 182 -2.70 -3.16 14.28
CA ILE A 182 -2.73 -4.48 13.62
C ILE A 182 -3.16 -5.50 14.66
N PRO A 183 -3.50 -6.72 14.22
CA PRO A 183 -3.93 -7.76 15.17
C PRO A 183 -2.94 -8.01 16.29
N ALA A 184 -1.64 -7.95 16.02
CA ALA A 184 -0.60 -8.21 17.01
C ALA A 184 -0.57 -7.19 18.14
N TRP A 185 -1.26 -6.06 17.97
CA TRP A 185 -1.22 -4.95 18.91
C TRP A 185 -2.60 -4.74 19.53
N ASP A 186 -2.74 -3.65 20.28
CA ASP A 186 -4.02 -3.29 20.86
C ASP A 186 -5.00 -2.86 19.76
N PRO A 187 -6.30 -3.07 19.95
CA PRO A 187 -7.27 -2.51 19.00
C PRO A 187 -7.17 -0.99 18.89
N GLY A 188 -7.39 -0.50 17.69
CA GLY A 188 -7.55 0.91 17.45
C GLY A 188 -7.72 1.17 15.98
N PRO A 189 -7.94 2.43 15.61
CA PRO A 189 -8.05 2.76 14.20
C PRO A 189 -6.91 2.19 13.39
N VAL A 190 -7.27 1.66 12.23
CA VAL A 190 -6.30 1.09 11.29
C VAL A 190 -5.68 2.15 10.39
N ALA A 191 -6.43 3.21 10.11
CA ALA A 191 -6.01 4.28 9.24
C ALA A 191 -6.64 5.58 9.73
N GLY A 192 -6.40 5.90 11.01
CA GLY A 192 -7.04 7.05 11.61
C GLY A 192 -6.64 8.33 10.91
N SER A 193 -7.61 9.23 10.73
CA SER A 193 -7.36 10.45 9.96
C SER A 193 -6.41 11.39 10.66
N ASP A 194 -6.42 11.41 11.99
CA ASP A 194 -5.52 12.28 12.74
C ASP A 194 -4.06 11.84 12.54
N TRP A 195 -3.83 10.55 12.69
CA TRP A 195 -2.52 9.94 12.42
C TRP A 195 -2.12 10.13 10.96
N MSE A 196 -3.04 9.89 10.04
CA MSE A 196 -2.79 10.06 8.61
C MSE A 196 -2.38 11.49 8.32
O MSE A 196 -1.45 11.70 7.55
CB MSE A 196 -4.02 9.65 7.79
CG MSE A 196 -3.79 9.79 6.30
SE MSE A 196 -5.37 9.24 5.27
CE MSE A 196 -5.49 7.39 5.85
H MSE A 196 -3.84 9.62 10.21
HA MSE A 196 -2.05 9.47 8.35
HB2 MSE A 196 -4.23 8.74 7.98
HB3 MSE A 196 -4.76 10.23 8.03
HG2 MSE A 196 -3.60 10.72 6.07
HG3 MSE A 196 -3.05 9.23 6.04
HE1 MSE A 196 -6.25 6.97 5.42
HE2 MSE A 196 -4.68 6.92 5.61
HE3 MSE A 196 -5.61 7.37 6.81
N GLU A 197 -3.09 12.47 8.87
CA GLU A 197 -2.76 13.87 8.62
C GLU A 197 -1.41 14.22 9.21
N ASP A 198 -1.09 13.71 10.40
CA ASP A 198 0.25 13.92 10.94
C ASP A 198 1.29 13.34 9.99
N ASP A 199 1.03 12.13 9.47
CA ASP A 199 1.98 11.49 8.58
C ASP A 199 2.14 12.29 7.28
N LEU A 200 1.03 12.79 6.73
CA LEU A 200 1.07 13.56 5.49
C LEU A 200 1.73 14.92 5.70
N ASP A 201 1.49 15.57 6.85
CA ASP A 201 2.19 16.81 7.15
C ASP A 201 3.69 16.58 7.11
N TYR A 202 4.13 15.49 7.74
CA TYR A 202 5.54 15.14 7.78
C TYR A 202 6.07 14.91 6.37
N ALA A 203 5.32 14.15 5.57
CA ALA A 203 5.76 13.79 4.23
C ALA A 203 5.86 15.02 3.33
N VAL A 204 4.85 15.90 3.32
CA VAL A 204 4.82 17.00 2.35
C VAL A 204 5.79 18.10 2.73
N GLU A 205 6.23 18.16 3.98
CA GLU A 205 7.32 19.06 4.31
C GLU A 205 8.62 18.61 3.66
N ARG A 206 8.77 17.30 3.48
CA ARG A 206 10.02 16.70 3.04
C ARG A 206 10.05 16.32 1.58
N VAL A 207 8.89 16.24 0.95
CA VAL A 207 8.70 15.72 -0.40
C VAL A 207 7.67 16.59 -1.09
N PRO A 208 7.85 16.98 -2.35
CA PRO A 208 6.79 17.74 -3.03
C PRO A 208 5.49 16.95 -2.95
N ALA A 209 4.41 17.64 -2.58
CA ALA A 209 3.16 16.94 -2.34
C ALA A 209 2.68 16.16 -3.56
N ALA A 210 2.96 16.67 -4.76
CA ALA A 210 2.52 15.99 -5.98
C ALA A 210 3.19 14.64 -6.17
N LYS A 211 4.26 14.35 -5.42
CA LYS A 211 4.91 13.06 -5.46
C LYS A 211 4.47 12.12 -4.34
N ILE A 212 3.48 12.52 -3.55
CA ILE A 212 2.97 11.70 -2.46
C ILE A 212 1.62 11.11 -2.85
N LEU A 213 1.46 9.82 -2.59
CA LEU A 213 0.16 9.16 -2.57
C LEU A 213 -0.15 8.78 -1.13
N ASN A 214 -1.34 9.10 -0.62
CA ASN A 214 -1.76 8.49 0.63
C ASN A 214 -2.26 7.08 0.36
N GLY A 215 -2.60 6.39 1.43
CA GLY A 215 -3.06 5.02 1.37
C GLY A 215 -4.34 4.85 2.15
N ILE A 216 -5.29 4.12 1.54
CA ILE A 216 -6.60 3.88 2.14
C ILE A 216 -6.86 2.38 2.12
N PRO A 217 -7.18 1.78 3.27
CA PRO A 217 -7.42 0.34 3.31
C PRO A 217 -8.86 0.00 2.94
N ALA A 218 -9.01 -1.10 2.21
CA ALA A 218 -10.31 -1.73 1.97
C ALA A 218 -10.56 -2.85 2.96
N TYR A 219 -10.14 -2.61 4.20
CA TYR A 219 -10.24 -3.60 5.26
C TYR A 219 -10.12 -2.87 6.58
N GLY A 220 -10.45 -3.61 7.64
CA GLY A 220 -10.12 -3.26 9.00
C GLY A 220 -9.70 -4.52 9.73
N TYR A 221 -9.65 -4.48 11.05
CA TYR A 221 -9.31 -5.64 11.84
C TYR A 221 -10.37 -5.91 12.91
N ASP A 222 -10.53 -7.20 13.17
CA ASP A 222 -11.43 -7.73 14.19
C ASP A 222 -10.57 -8.41 15.24
N TRP A 223 -10.43 -7.76 16.40
CA TRP A 223 -9.69 -8.33 17.52
C TRP A 223 -10.58 -9.12 18.45
N MLY A 224 -10.18 -10.35 18.73
CA MLY A 224 -10.77 -11.13 19.81
CB MLY A 224 -10.30 -12.58 19.72
CG MLY A 224 -10.85 -13.50 20.82
CD MLY A 224 -10.34 -14.92 20.63
CE MLY A 224 -11.02 -15.89 21.59
NZ MLY A 224 -10.33 -17.21 21.60
CH1 MLY A 224 -10.56 -17.85 20.29
CH2 MLY A 224 -11.01 -18.04 22.61
C MLY A 224 -10.32 -10.50 21.15
O MLY A 224 -11.11 -10.40 22.09
H MLY A 224 -9.67 -10.93 18.16
HA MLY A 224 -11.74 -11.10 19.75
HB2 MLY A 224 -9.33 -12.59 19.80
HB3 MLY A 224 -10.59 -12.99 18.75
HG2 MLY A 224 -11.82 -13.52 20.76
HG3 MLY A 224 -10.54 -13.12 21.79
HD2 MLY A 224 -9.38 -14.93 20.81
HD3 MLY A 224 -10.52 -15.23 19.60
HE2 MLY A 224 -11.93 -16.04 21.30
HE3 MLY A 224 -11.01 -15.47 22.59
HH11 MLY A 224 -10.07 -18.82 20.27
HH12 MLY A 224 -10.15 -17.23 19.50
HH13 MLY A 224 -11.62 -17.99 20.14
HH21 MLY A 224 -10.47 -18.98 22.73
HH22 MLY A 224 -12.03 -18.25 22.28
HH23 MLY A 224 -11.04 -17.51 23.55
N ARG A 225 -9.07 -10.07 21.19
N ARG A 225 -9.06 -10.11 21.18
CA ARG A 225 -8.49 -9.37 22.33
CA ARG A 225 -8.45 -9.43 22.33
C ARG A 225 -7.13 -8.84 21.85
C ARG A 225 -7.17 -8.76 21.80
N PRO A 226 -6.50 -7.94 22.60
CA PRO A 226 -5.22 -7.37 22.14
C PRO A 226 -4.27 -8.48 21.75
N GLY A 227 -3.63 -8.35 20.59
CA GLY A 227 -2.69 -9.34 20.12
C GLY A 227 -3.31 -10.51 19.40
N ASP A 228 -4.63 -10.60 19.31
CA ASP A 228 -5.31 -11.77 18.74
C ASP A 228 -6.44 -11.28 17.84
N GLY A 229 -6.19 -11.26 16.53
CA GLY A 229 -7.19 -10.73 15.63
C GLY A 229 -6.95 -11.17 14.21
N GLY A 230 -7.83 -10.67 13.34
CA GLY A 230 -7.77 -11.03 11.93
C GLY A 230 -8.32 -9.92 11.06
N MSE A 231 -7.99 -10.01 9.79
N MSE A 231 -7.98 -9.99 9.78
CA MSE A 231 -8.47 -9.03 8.84
CA MSE A 231 -8.45 -9.01 8.82
C MSE A 231 -9.97 -9.20 8.60
C MSE A 231 -9.95 -9.19 8.53
O MSE A 231 -10.49 -10.30 8.61
O MSE A 231 -10.44 -10.30 8.40
CB MSE A 231 -7.70 -9.15 7.53
CB MSE A 231 -7.66 -9.14 7.51
CG MSE A 231 -8.10 -8.12 6.51
CG MSE A 231 -7.77 -7.92 6.58
SE MSE A 231 -6.93 -8.15 4.99
SE MSE A 231 -6.63 -8.05 5.02
CE MSE A 231 -5.38 -7.35 5.82
CE MSE A 231 -5.05 -8.77 5.86
H MSE A 231 -7.50 -10.62 9.44
H MSE A 231 -7.49 -10.60 9.44
HA MSE A 231 -8.30 -8.13 9.20
HA MSE A 231 -8.30 -8.12 9.18
HB2 MSE A 231 -6.75 -9.04 7.71
HB2 MSE A 231 -6.73 -9.26 7.73
HB3 MSE A 231 -7.87 -10.03 7.16
HB3 MSE A 231 -7.99 -9.91 7.03
HG2 MSE A 231 -9.00 -8.30 6.20
HG2 MSE A 231 -8.68 -7.83 6.28
HG3 MSE A 231 -8.06 -7.23 6.91
HG3 MSE A 231 -7.51 -7.12 7.08
HE1 MSE A 231 -4.66 -7.28 5.18
HE1 MSE A 231 -4.36 -8.89 5.19
HE2 MSE A 231 -5.61 -6.47 6.15
HE2 MSE A 231 -4.74 -8.15 6.54
HE3 MSE A 231 -5.09 -7.90 6.57
HE3 MSE A 231 -5.28 -9.63 6.27
N LEU A 232 -10.65 -8.06 8.42
CA LEU A 232 -12.06 -8.03 8.03
C LEU A 232 -12.12 -7.18 6.78
N TYR A 233 -12.42 -7.79 5.63
CA TYR A 233 -12.52 -7.03 4.40
C TYR A 233 -13.71 -6.06 4.44
N TRP A 234 -13.55 -4.94 3.73
CA TRP A 234 -14.64 -3.98 3.56
C TRP A 234 -15.94 -4.68 3.15
N MLY A 235 -15.86 -5.62 2.23
CA MLY A 235 -17.06 -6.24 1.69
CB MLY A 235 -16.76 -7.04 0.42
CG MLY A 235 -15.90 -8.27 0.62
CD MLY A 235 -15.62 -8.94 -0.71
CE MLY A 235 -14.69 -10.13 -0.59
NZ MLY A 235 -14.76 -11.10 -1.74
CH1 MLY A 235 -13.59 -11.99 -1.74
CH2 MLY A 235 -14.80 -10.43 -3.06
C MLY A 235 -17.78 -7.11 2.70
O MLY A 235 -18.91 -7.52 2.46
H MLY A 235 -15.10 -5.85 1.67
HA MLY A 235 -17.68 -5.52 1.43
HB2 MLY A 235 -16.29 -6.47 -0.20
HB3 MLY A 235 -17.70 -7.35 -0.03
HG2 MLY A 235 -16.37 -8.90 1.19
HG3 MLY A 235 -14.95 -7.99 1.09
HD2 MLY A 235 -15.20 -8.30 -1.30
HD3 MLY A 235 -16.56 -9.27 -1.15
HE2 MLY A 235 -14.92 -10.63 0.21
HE3 MLY A 235 -13.66 -9.78 -0.50
HH11 MLY A 235 -13.66 -12.69 -2.57
HH12 MLY A 235 -13.57 -12.56 -0.80
HH13 MLY A 235 -12.69 -11.40 -1.83
HH21 MLY A 235 -14.96 -11.16 -3.84
HH22 MLY A 235 -13.84 -9.93 -3.23
HH23 MLY A 235 -15.60 -9.69 -3.07
N ASP A 236 -17.14 -7.40 3.84
CA ASP A 236 -17.71 -8.27 4.87
C ASP A 236 -18.19 -7.52 6.12
N THR A 237 -17.95 -6.20 6.19
CA THR A 237 -18.29 -5.45 7.40
C THR A 237 -19.77 -5.54 7.71
N GLN A 238 -20.63 -5.23 6.73
CA GLN A 238 -22.06 -5.14 7.01
C GLN A 238 -22.62 -6.48 7.47
N ALA A 239 -22.17 -7.57 6.87
CA ALA A 239 -22.66 -8.88 7.28
C ALA A 239 -22.28 -9.18 8.72
N LEU A 240 -21.08 -8.76 9.15
CA LEU A 240 -20.66 -9.03 10.51
C LEU A 240 -21.48 -8.21 11.50
N ILE A 241 -21.69 -6.93 11.21
CA ILE A 241 -22.57 -6.10 12.03
C ILE A 241 -23.93 -6.77 12.17
N ALA A 242 -24.48 -7.27 11.06
CA ALA A 242 -25.81 -7.86 11.08
C ALA A 242 -25.84 -9.18 11.83
N ARG A 243 -24.77 -9.98 11.70
CA ARG A 243 -24.73 -11.26 12.40
C ARG A 243 -24.93 -11.08 13.90
N TYR A 244 -24.30 -10.06 14.49
CA TYR A 244 -24.33 -9.85 15.93
C TYR A 244 -25.26 -8.73 16.35
N GLY A 245 -25.94 -8.08 15.41
CA GLY A 245 -26.80 -6.95 15.74
C GLY A 245 -26.06 -5.81 16.42
N ALA A 246 -24.83 -5.54 15.98
CA ALA A 246 -23.99 -4.53 16.59
C ALA A 246 -24.45 -3.13 16.19
N GLN A 247 -24.16 -2.18 17.06
CA GLN A 247 -24.47 -0.77 16.87
C GLN A 247 -23.14 -0.07 16.68
N PRO A 248 -22.72 0.19 15.42
CA PRO A 248 -21.40 0.74 15.18
C PRO A 248 -21.35 2.23 15.52
N ARG A 249 -20.19 2.66 15.99
CA ARG A 249 -19.95 4.03 16.43
C ARG A 249 -18.95 4.66 15.47
N TYR A 250 -19.29 5.82 14.93
CA TYR A 250 -18.35 6.58 14.12
C TYR A 250 -17.51 7.46 15.03
N ASP A 251 -16.22 7.23 15.03
CA ASP A 251 -15.29 8.04 15.80
C ASP A 251 -14.88 9.23 14.93
N ALA A 252 -15.45 10.39 15.23
CA ALA A 252 -15.24 11.54 14.38
C ALA A 252 -13.79 12.04 14.44
N GLY A 253 -13.14 11.93 15.61
CA GLY A 253 -11.78 12.41 15.75
C GLY A 253 -10.76 11.66 14.91
N THR A 254 -11.07 10.43 14.52
CA THR A 254 -10.17 9.63 13.70
C THR A 254 -10.83 9.20 12.39
N HIS A 255 -12.04 9.64 12.11
CA HIS A 255 -12.80 9.19 10.95
C HIS A 255 -12.67 7.68 10.75
N SER A 256 -13.07 6.95 11.78
CA SER A 256 -12.99 5.50 11.78
C SER A 256 -14.24 4.93 12.41
N LEU A 257 -14.63 3.73 11.98
CA LEU A 257 -15.81 3.06 12.45
C LEU A 257 -15.41 1.95 13.41
N THR A 258 -16.10 1.84 14.55
CA THR A 258 -15.80 0.78 15.50
C THR A 258 -17.09 0.13 15.99
N PHE A 259 -17.00 -1.14 16.34
CA PHE A 259 -18.09 -1.83 17.00
C PHE A 259 -17.53 -3.00 17.78
N ASN A 260 -18.35 -3.49 18.70
CA ASN A 260 -18.01 -4.65 19.50
C ASN A 260 -19.11 -5.69 19.35
N TYR A 261 -18.76 -6.91 19.73
CA TYR A 261 -19.76 -7.97 19.78
C TYR A 261 -19.26 -9.07 20.70
N GLY A 262 -20.20 -9.85 21.22
CA GLY A 262 -19.88 -11.00 22.03
C GLY A 262 -19.98 -12.26 21.21
N ALA A 263 -18.85 -12.95 21.07
CA ALA A 263 -18.78 -14.17 20.29
C ALA A 263 -19.27 -15.36 21.13
N ALA A 264 -19.60 -16.45 20.44
CA ALA A 264 -20.16 -17.62 21.11
C ALA A 264 -19.20 -18.22 22.13
N ASP A 265 -17.88 -18.06 21.93
CA ASP A 265 -16.90 -18.56 22.87
C ASP A 265 -16.74 -17.66 24.09
N GLY A 266 -17.54 -16.61 24.19
CA GLY A 266 -17.53 -15.72 25.34
C GLY A 266 -16.61 -14.52 25.23
N SER A 267 -15.81 -14.42 24.16
CA SER A 267 -14.92 -13.29 24.04
C SER A 267 -15.69 -12.06 23.57
N ARG A 268 -15.20 -10.89 23.96
CA ARG A 268 -15.75 -9.63 23.49
C ARG A 268 -14.81 -9.07 22.44
N HIS A 269 -15.26 -9.08 21.18
CA HIS A 269 -14.47 -8.61 20.06
C HIS A 269 -14.60 -7.10 19.88
N THR A 270 -13.58 -6.51 19.27
CA THR A 270 -13.55 -5.11 18.91
C THR A 270 -13.12 -5.02 17.45
N VAL A 271 -13.91 -4.35 16.63
CA VAL A 271 -13.58 -4.11 15.24
C VAL A 271 -13.31 -2.64 15.04
N TRP A 272 -12.28 -2.32 14.28
CA TRP A 272 -12.05 -0.99 13.74
C TRP A 272 -11.93 -1.10 12.23
N THR A 273 -12.69 -0.29 11.50
CA THR A 273 -12.69 -0.35 10.05
C THR A 273 -13.14 1.01 9.50
N GLU A 274 -13.44 1.00 8.21
CA GLU A 274 -13.83 2.18 7.44
C GLU A 274 -15.33 2.10 7.10
N ASN A 275 -15.89 3.26 6.74
CA ASN A 275 -17.17 3.29 6.07
C ASN A 275 -17.07 4.26 4.88
N ALA A 276 -18.19 4.54 4.22
CA ALA A 276 -18.12 5.40 3.03
C ALA A 276 -17.67 6.81 3.40
N ARG A 277 -18.16 7.33 4.54
CA ARG A 277 -17.75 8.66 4.97
C ARG A 277 -16.25 8.73 5.19
N SER A 278 -15.66 7.72 5.83
CA SER A 278 -14.25 7.78 6.16
C SER A 278 -13.38 7.63 4.94
N VAL A 279 -13.76 6.73 4.02
CA VAL A 279 -13.00 6.58 2.78
C VAL A 279 -13.04 7.87 1.97
N ALA A 280 -14.22 8.49 1.84
CA ALA A 280 -14.31 9.74 1.11
C ALA A 280 -13.47 10.81 1.77
N LEU A 281 -13.50 10.90 3.11
CA LEU A 281 -12.70 11.89 3.80
C LEU A 281 -11.22 11.67 3.49
N LYS A 282 -10.76 10.43 3.61
CA LYS A 282 -9.35 10.14 3.40
C LYS A 282 -8.94 10.37 1.94
N ALA A 283 -9.82 10.10 0.99
CA ALA A 283 -9.53 10.43 -0.40
C ALA A 283 -9.50 11.93 -0.65
N SER A 284 -10.34 12.68 0.08
CA SER A 284 -10.40 14.12 -0.09
C SER A 284 -9.11 14.78 0.35
N LEU A 285 -8.29 14.09 1.16
CA LEU A 285 -7.00 14.64 1.55
C LEU A 285 -6.08 14.86 0.35
N VAL A 286 -6.31 14.17 -0.76
CA VAL A 286 -5.55 14.46 -1.98
C VAL A 286 -5.68 15.94 -2.33
N ASN A 287 -6.91 16.46 -2.32
CA ASN A 287 -7.10 17.85 -2.67
C ASN A 287 -6.70 18.77 -1.55
N ALA A 288 -6.88 18.35 -0.30
CA ALA A 288 -6.53 19.20 0.82
C ALA A 288 -5.03 19.48 0.87
N TYR A 289 -4.20 18.48 0.51
CA TYR A 289 -2.74 18.59 0.58
C TYR A 289 -2.08 18.84 -0.78
N GLY A 290 -2.80 18.75 -1.89
CA GLY A 290 -2.15 18.75 -3.17
C GLY A 290 -1.37 17.50 -3.47
N LEU A 291 -1.82 16.35 -2.97
CA LEU A 291 -1.12 15.11 -3.19
C LEU A 291 -1.16 14.73 -4.67
N GLY A 292 -0.23 13.85 -5.06
CA GLY A 292 -0.26 13.26 -6.37
C GLY A 292 -1.41 12.31 -6.61
N GLY A 293 -2.02 11.82 -5.54
CA GLY A 293 -3.11 10.90 -5.66
C GLY A 293 -3.22 10.03 -4.43
N THR A 294 -3.93 8.93 -4.61
CA THR A 294 -4.19 7.99 -3.53
C THR A 294 -3.90 6.58 -3.99
N SER A 295 -3.81 5.68 -3.03
CA SER A 295 -3.57 4.28 -3.28
C SER A 295 -4.51 3.47 -2.40
N LEU A 296 -5.03 2.36 -2.93
CA LEU A 296 -6.07 1.58 -2.30
C LEU A 296 -5.59 0.15 -2.13
N TYR A 297 -5.67 -0.38 -0.92
CA TYR A 297 -5.16 -1.71 -0.64
C TYR A 297 -6.31 -2.56 -0.11
N ALA A 298 -6.81 -3.55 -0.87
CA ALA A 298 -6.36 -4.03 -2.17
C ALA A 298 -7.58 -4.63 -2.91
N LEU A 299 -7.42 -4.80 -4.21
CA LEU A 299 -8.47 -5.36 -5.05
C LEU A 299 -8.86 -6.76 -4.58
N GLY A 300 -10.16 -6.98 -4.49
CA GLY A 300 -10.71 -8.23 -4.03
C GLY A 300 -11.29 -8.15 -2.64
N MSE A 301 -11.03 -7.08 -1.91
CA MSE A 301 -11.53 -6.93 -0.56
C MSE A 301 -12.81 -6.10 -0.49
O MSE A 301 -13.42 -5.98 0.58
CB MSE A 301 -10.48 -6.24 0.31
CG MSE A 301 -9.18 -6.96 0.40
SE MSE A 301 -8.04 -5.95 1.60
CE MSE A 301 -6.43 -7.05 1.44
H MSE A 301 -10.53 -6.42 -2.17
HA MSE A 301 -11.71 -7.81 -0.18
HB2 MSE A 301 -10.31 -5.36 -0.07
HB3 MSE A 301 -10.83 -6.15 1.20
HG2 MSE A 301 -9.32 -7.85 0.75
HG3 MSE A 301 -8.76 -7.00 -0.48
HE1 MSE A 301 -5.73 -6.68 2.01
HE2 MSE A 301 -6.64 -7.97 1.74
HE3 MSE A 301 -6.14 -7.07 0.52
N GLU A 302 -13.16 -5.45 -1.59
CA GLU A 302 -14.09 -4.35 -1.60
C GLU A 302 -15.41 -4.71 -2.29
N ASP A 303 -16.31 -3.73 -2.31
CA ASP A 303 -17.52 -3.80 -3.10
C ASP A 303 -17.73 -2.43 -3.75
N ASP A 304 -18.85 -2.25 -4.44
CA ASP A 304 -19.04 -1.05 -5.24
C ASP A 304 -19.03 0.21 -4.38
N ALA A 305 -19.50 0.12 -3.13
CA ALA A 305 -19.57 1.31 -2.28
C ALA A 305 -18.20 1.84 -1.92
N PHE A 306 -17.18 0.97 -1.87
CA PHE A 306 -15.83 1.44 -1.62
C PHE A 306 -15.37 2.40 -2.69
N TRP A 307 -15.47 1.97 -3.95
CA TRP A 307 -15.02 2.83 -5.05
C TRP A 307 -15.91 4.06 -5.23
N ALA A 308 -17.20 3.95 -4.93
CA ALA A 308 -18.04 5.14 -4.97
C ALA A 308 -17.55 6.18 -3.96
N ALA A 309 -17.14 5.72 -2.77
CA ALA A 309 -16.62 6.63 -1.75
C ALA A 309 -15.29 7.25 -2.15
N VAL A 310 -14.40 6.47 -2.76
CA VAL A 310 -13.15 7.02 -3.26
C VAL A 310 -13.44 8.14 -4.26
N MLZ A 311 -14.31 7.86 -5.24
CA MLZ A 311 -14.67 8.84 -6.25
CB MLZ A 311 -15.67 8.20 -7.23
CG MLZ A 311 -16.17 9.10 -8.35
CD MLZ A 311 -17.18 8.36 -9.20
CE MLZ A 311 -17.81 9.25 -10.25
NZ MLZ A 311 -18.98 8.63 -10.87
CM MLZ A 311 -19.09 7.19 -11.05
C MLZ A 311 -15.24 10.10 -5.62
O MLZ A 311 -14.89 11.25 -6.01
H MLZ A 311 -14.92 7.08 -5.05
HA MLZ A 311 -13.77 9.12 -6.82
HB2 MLZ A 311 -16.53 7.85 -6.66
HB3 MLZ A 311 -15.20 7.32 -7.67
HG2 MLZ A 311 -15.33 9.42 -8.97
HG3 MLZ A 311 -16.63 10.00 -7.93
HD2 MLZ A 311 -17.96 7.95 -8.55
HD3 MLZ A 311 -16.68 7.51 -9.70
HE2 MLZ A 311 -17.08 9.47 -11.03
HE3 MLZ A 311 -18.10 10.20 -9.79
HZ MLZ A 311 -19.74 9.22 -11.17
HCM1 MLZ A 311 -18.86 6.95 -12.05
HCM2 MLZ A 311 -20.07 6.88 -10.82
HCM3 MLZ A 311 -18.40 6.70 -10.40
N GLN A 312 -16.14 9.93 -4.67
CA GLN A 312 -16.75 11.07 -4.02
C GLN A 312 -15.70 11.95 -3.34
N GLY A 313 -14.80 11.32 -2.60
CA GLY A 313 -13.80 12.09 -1.89
C GLY A 313 -12.82 12.80 -2.81
N LEU A 314 -12.41 12.13 -3.89
CA LEU A 314 -11.49 12.76 -4.84
C LEU A 314 -12.11 13.97 -5.48
N ALA A 315 -13.43 14.04 -5.59
CA ALA A 315 -14.09 15.17 -6.21
C ALA A 315 -14.39 16.29 -5.21
N GLN A 316 -14.02 16.12 -3.94
CA GLN A 316 -14.32 17.11 -2.91
C GLN A 316 -13.20 18.15 -2.87
N ARG A 317 -13.56 19.40 -3.15
CA ARG A 317 -12.59 20.49 -3.21
C ARG A 317 -12.73 21.40 -1.99
C1 EDO B . -12.56 -14.02 -12.29
O1 EDO B . -13.20 -14.56 -11.14
C2 EDO B . -13.43 -13.02 -13.00
O2 EDO B . -13.29 -13.20 -14.39
H11 EDO B . -12.32 -14.84 -12.98
H12 EDO B . -11.62 -13.56 -12.01
HO1 EDO B . -12.62 -15.20 -10.71
H21 EDO B . -13.11 -12.01 -12.72
H22 EDO B . -14.46 -13.16 -12.70
HO2 EDO B . -13.84 -12.55 -14.85
C1 EDO C . 14.68 14.46 9.27
O1 EDO C . 13.26 14.72 9.35
C2 EDO C . 15.16 14.60 7.84
O2 EDO C . 14.03 14.74 6.96
H11 EDO C . 14.89 13.46 9.64
H12 EDO C . 15.21 15.17 9.92
HO1 EDO C . 12.97 14.62 10.26
H21 EDO C . 15.74 13.73 7.56
H22 EDO C . 15.81 15.49 7.75
HO2 EDO C . 14.34 14.84 6.05
CL CL D . -0.51 -8.86 12.93
N 6KY E . -1.52 -4.72 5.61
CA 6KY E . -0.26 -5.51 5.64
C 6KY E . -0.01 -6.11 4.27
O 6KY E . -0.75 -6.97 3.83
CB 6KY E . -0.25 -6.62 6.72
CG 6KY E . -0.32 -6.03 8.13
SE 6KY E . -0.18 -7.37 9.56
CE 6KY E . -1.97 -8.11 9.37
CN1 6KY E . -2.76 -5.54 5.57
CN2 6KY E . -1.58 -3.74 4.51
HA 6KY E . 0.57 -4.83 5.86
H2 6KY E . -1.28 -5.51 8.25
HB1 6KY E . -1.09 -7.29 6.55
HG1 6KY E . 0.47 -5.30 8.25
H1 6KY E . 0.67 -7.21 6.61
H3 6KY E . -2.11 -8.88 10.09
H4 6KY E . -2.09 -8.50 8.40
H5 6KY E . -2.68 -7.34 9.55
H6 6KY E . -3.60 -4.90 5.56
H7 6KY E . -2.80 -6.17 6.42
H8 6KY E . -2.75 -6.14 4.69
H9 6KY E . -0.77 -3.06 4.60
H10 6KY E . -2.49 -3.21 4.55
H11 6KY E . -1.51 -4.25 3.58
N HIS F . 1.01 -5.60 3.58
CA HIS F . 1.35 -6.08 2.24
C HIS F . 1.88 -7.51 2.31
O HIS F . 2.37 -7.96 3.35
CB HIS F . 2.36 -5.15 1.57
CG HIS F . 1.81 -3.81 1.19
ND1 HIS F . 2.43 -2.97 0.29
CD2 HIS F . 0.71 -3.15 1.61
CE1 HIS F . 1.72 -1.87 0.15
NE2 HIS F . 0.68 -1.94 0.96
OXT HIS F . 1.81 -8.23 1.32
H HIS F . 1.54 -4.98 3.86
HA HIS F . 0.55 -6.09 1.70
HB2 HIS F . 3.10 -5.00 2.18
HB3 HIS F . 2.70 -5.58 0.76
HD1 HIS F . 3.16 -3.15 -0.13
HD2 HIS F . 0.08 -3.46 2.24
HE1 HIS F . 1.94 -1.15 -0.40
#